data_3WF5
#
_entry.id   3WF5
#
_cell.length_a   69.217
_cell.length_b   69.217
_cell.length_c   143.181
_cell.angle_alpha   90.00
_cell.angle_beta   90.00
_cell.angle_gamma   90.00
#
_symmetry.space_group_name_H-M   'P 41 21 2'
#
loop_
_entity.id
_entity.type
_entity.pdbx_description
1 polymer 'Ribosomal protein S6 kinase beta-1'
2 non-polymer 'ZINC ION'
3 non-polymer 4-[4-(1H-benzimidazol-2-yl)piperidin-1-yl]-1H-pyrazolo[3,4-d]pyrimidine
4 water water
#
_entity_poly.entity_id   1
_entity_poly.type   'polypeptide(L)'
_entity_poly.pdbx_seq_one_letter_code
;GSFTSSGSVNRGPEKIRPECFELLRVLGKGGYGKVFQVRKVTGANTGKIFAMKVLKKAMIVRNAKDTAHTKAERNILEEV
KHPFIVDLIYAFQTGGKLYLILEYLSGGELFMQLEREGIFMEDTACFYLAEISMALGHLHQKGIIYRDLKPENIMLNHQG
HVKLTDFGLCKESIHDGTVTH(TPO)FCGTIEYMAPEILMRSGHNRAVDWWSLGALMYDMLTGAPPFTGENRKKTIDKIL
KCKLNLPPYLTQEARDLLKKLLKRNAASRLGAGPGDAGEVQAHPFFRHINWEELLARKVEPPFKPLLQSEEDVSQFDSKF
TRQTPVDSPDDST
;
_entity_poly.pdbx_strand_id   A
#
# COMPACT_ATOMS: atom_id res chain seq x y z
N LYS A 15 -30.91 -7.01 3.49
CA LYS A 15 -31.10 -5.77 2.75
C LYS A 15 -30.38 -4.61 3.44
N ILE A 16 -29.22 -4.24 2.90
CA ILE A 16 -28.40 -3.22 3.52
C ILE A 16 -28.71 -1.86 2.92
N ARG A 17 -28.84 -0.86 3.78
CA ARG A 17 -29.08 0.52 3.35
C ARG A 17 -28.23 1.46 4.21
N PRO A 18 -28.06 2.73 3.76
CA PRO A 18 -27.24 3.68 4.51
C PRO A 18 -27.73 3.87 5.96
N GLU A 19 -29.04 3.73 6.17
CA GLU A 19 -29.67 3.93 7.47
C GLU A 19 -29.27 2.84 8.47
N CYS A 20 -28.69 1.75 7.99
CA CYS A 20 -28.25 0.68 8.87
C CYS A 20 -26.97 1.06 9.62
N PHE A 21 -26.35 2.18 9.24
CA PHE A 21 -25.08 2.61 9.84
C PHE A 21 -25.19 3.99 10.44
N GLU A 22 -24.53 4.22 11.57
CA GLU A 22 -24.42 5.58 12.08
C GLU A 22 -22.99 6.08 11.88
N LEU A 23 -22.86 7.34 11.48
CA LEU A 23 -21.54 7.92 11.20
C LEU A 23 -20.86 8.30 12.52
N LEU A 24 -19.58 8.00 12.65
CA LEU A 24 -18.85 8.31 13.88
C LEU A 24 -17.86 9.44 13.65
N ARG A 25 -17.07 9.33 12.59
CA ARG A 25 -16.12 10.38 12.23
C ARG A 25 -15.63 10.22 10.81
N VAL A 26 -15.06 11.30 10.29
CA VAL A 26 -14.49 11.30 8.95
C VAL A 26 -13.07 10.71 8.98
N LEU A 27 -12.82 9.74 8.11
CA LEU A 27 -11.51 9.12 7.99
C LEU A 27 -10.74 9.71 6.82
N GLY A 28 -11.46 10.27 5.85
CA GLY A 28 -10.82 10.91 4.72
C GLY A 28 -11.84 11.44 3.73
N LYS A 29 -11.49 12.54 3.07
CA LYS A 29 -12.31 13.13 2.00
C LYS A 29 -11.45 13.69 0.89
N GLY A 30 -11.89 13.47 -0.34
CA GLY A 30 -11.23 14.01 -1.50
C GLY A 30 -12.34 14.29 -2.49
N GLY A 31 -11.98 14.68 -3.71
CA GLY A 31 -12.99 14.96 -4.72
C GLY A 31 -13.74 13.73 -5.18
N TYR A 32 -13.18 12.55 -4.92
CA TYR A 32 -13.73 11.33 -5.46
C TYR A 32 -14.12 10.34 -4.39
N GLY A 33 -14.78 10.82 -3.35
CA GLY A 33 -15.25 9.93 -2.31
C GLY A 33 -14.95 10.44 -0.93
N LYS A 34 -15.62 9.84 0.04
CA LYS A 34 -15.36 10.13 1.44
C LYS A 34 -15.45 8.83 2.24
N VAL A 35 -14.65 8.75 3.28
CA VAL A 35 -14.57 7.56 4.10
C VAL A 35 -14.85 7.91 5.55
N PHE A 36 -15.74 7.14 6.14
CA PHE A 36 -16.22 7.38 7.48
C PHE A 36 -15.93 6.16 8.35
N GLN A 37 -15.71 6.37 9.65
CA GLN A 37 -15.83 5.28 10.61
C GLN A 37 -17.30 5.21 10.94
N VAL A 38 -17.88 4.01 10.92
CA VAL A 38 -19.32 3.88 11.18
C VAL A 38 -19.61 2.70 12.11
N ARG A 39 -20.80 2.72 12.70
CA ARG A 39 -21.28 1.66 13.56
C ARG A 39 -22.52 1.07 12.92
N LYS A 40 -22.55 -0.25 12.72
CA LYS A 40 -23.78 -0.87 12.28
C LYS A 40 -24.79 -0.89 13.44
N VAL A 41 -26.02 -0.48 13.19
CA VAL A 41 -27.00 -0.41 14.28
C VAL A 41 -28.19 -1.36 14.09
N THR A 42 -28.13 -2.20 13.06
CA THR A 42 -29.12 -3.26 12.86
C THR A 42 -28.44 -4.61 12.59
N GLY A 43 -29.17 -5.70 12.77
CA GLY A 43 -28.69 -7.00 12.37
C GLY A 43 -27.81 -7.69 13.40
N ALA A 44 -27.26 -8.85 13.02
CA ALA A 44 -26.38 -9.61 13.90
C ALA A 44 -25.10 -8.83 14.18
N ASN A 45 -24.68 -8.00 13.23
CA ASN A 45 -23.50 -7.18 13.43
C ASN A 45 -23.85 -5.84 14.08
N THR A 46 -24.97 -5.78 14.78
CA THR A 46 -25.32 -4.58 15.55
C THR A 46 -24.20 -4.22 16.51
N GLY A 47 -23.75 -2.97 16.42
CA GLY A 47 -22.72 -2.46 17.31
C GLY A 47 -21.32 -2.58 16.73
N LYS A 48 -21.19 -3.33 15.64
CA LYS A 48 -19.88 -3.53 15.05
C LYS A 48 -19.45 -2.33 14.22
N ILE A 49 -18.16 -2.05 14.28
CA ILE A 49 -17.54 -0.90 13.67
C ILE A 49 -16.93 -1.22 12.30
N PHE A 50 -17.21 -0.35 11.32
CA PHE A 50 -16.74 -0.54 9.97
C PHE A 50 -16.16 0.74 9.40
N ALA A 51 -15.47 0.64 8.27
CA ALA A 51 -15.17 1.81 7.44
C ALA A 51 -16.17 1.86 6.28
N MET A 52 -16.80 3.02 6.11
CA MET A 52 -17.74 3.21 5.01
C MET A 52 -17.18 4.20 4.01
N LYS A 53 -16.96 3.75 2.78
CA LYS A 53 -16.58 4.64 1.72
C LYS A 53 -17.78 4.94 0.84
N VAL A 54 -18.03 6.23 0.64
CA VAL A 54 -19.12 6.67 -0.22
C VAL A 54 -18.56 7.31 -1.45
N LEU A 55 -19.00 6.82 -2.62
CA LEU A 55 -18.58 7.34 -3.91
C LEU A 55 -19.76 7.92 -4.66
N LYS A 56 -19.52 8.99 -5.42
CA LYS A 56 -20.54 9.56 -6.30
C LYS A 56 -20.46 8.92 -7.68
N LYS A 57 -21.42 8.05 -7.99
CA LYS A 57 -21.44 7.38 -9.30
C LYS A 57 -22.12 8.26 -10.35
N THR A 70 -13.72 3.13 -10.15
CA THR A 70 -14.88 2.96 -9.27
C THR A 70 -15.47 1.55 -9.42
N LYS A 71 -15.69 1.15 -10.68
CA LYS A 71 -16.12 -0.20 -10.99
C LYS A 71 -14.93 -1.14 -10.82
N ALA A 72 -13.73 -0.63 -11.10
CA ALA A 72 -12.53 -1.39 -10.88
C ALA A 72 -12.33 -1.62 -9.39
N GLU A 73 -12.55 -0.57 -8.60
CA GLU A 73 -12.33 -0.64 -7.15
C GLU A 73 -13.17 -1.74 -6.48
N ARG A 74 -14.48 -1.67 -6.68
CA ARG A 74 -15.39 -2.69 -6.16
C ARG A 74 -15.01 -4.10 -6.63
N ASN A 75 -14.83 -4.26 -7.93
CA ASN A 75 -14.46 -5.56 -8.52
C ASN A 75 -13.17 -6.12 -7.92
N ILE A 76 -12.15 -5.27 -7.83
CA ILE A 76 -10.92 -5.62 -7.15
C ILE A 76 -11.17 -6.12 -5.72
N LEU A 77 -11.88 -5.32 -4.92
CA LEU A 77 -12.10 -5.68 -3.51
C LEU A 77 -12.94 -6.94 -3.35
N GLU A 78 -13.80 -7.22 -4.32
CA GLU A 78 -14.63 -8.41 -4.25
C GLU A 78 -13.86 -9.63 -4.68
N GLU A 79 -12.81 -9.41 -5.47
CA GLU A 79 -12.05 -10.51 -6.07
C GLU A 79 -10.92 -10.96 -5.18
N VAL A 80 -10.40 -10.04 -4.38
CA VAL A 80 -9.27 -10.36 -3.52
C VAL A 80 -9.72 -10.88 -2.16
N LYS A 81 -8.93 -11.78 -1.60
CA LYS A 81 -9.16 -12.28 -0.26
C LYS A 81 -7.82 -12.70 0.32
N HIS A 82 -7.32 -11.93 1.28
CA HIS A 82 -5.97 -12.16 1.76
C HIS A 82 -5.78 -11.40 3.07
N PRO A 83 -5.07 -12.02 4.02
CA PRO A 83 -4.85 -11.40 5.34
C PRO A 83 -4.26 -9.98 5.30
N PHE A 84 -3.42 -9.67 4.31
CA PHE A 84 -2.76 -8.37 4.27
C PHE A 84 -3.39 -7.43 3.26
N ILE A 85 -4.66 -7.70 2.92
CA ILE A 85 -5.45 -6.79 2.08
C ILE A 85 -6.79 -6.52 2.76
N VAL A 86 -7.26 -5.27 2.72
CA VAL A 86 -8.48 -4.90 3.44
C VAL A 86 -9.70 -5.69 2.92
N ASP A 87 -10.51 -6.18 3.84
CA ASP A 87 -11.73 -6.90 3.49
C ASP A 87 -12.91 -5.98 3.18
N LEU A 88 -13.61 -6.31 2.09
CA LEU A 88 -14.90 -5.68 1.79
C LEU A 88 -16.05 -6.51 2.35
N ILE A 89 -16.84 -5.92 3.25
CA ILE A 89 -17.91 -6.65 3.92
C ILE A 89 -19.25 -6.50 3.18
N TYR A 90 -19.64 -5.26 2.92
CA TYR A 90 -20.87 -5.01 2.14
C TYR A 90 -20.59 -4.06 0.99
N ALA A 91 -21.40 -4.15 -0.06
CA ALA A 91 -21.42 -3.14 -1.11
C ALA A 91 -22.84 -2.95 -1.60
N PHE A 92 -23.22 -1.69 -1.78
CA PHE A 92 -24.55 -1.36 -2.27
C PHE A 92 -24.57 0.05 -2.83
N GLN A 93 -25.63 0.35 -3.57
CA GLN A 93 -25.77 1.65 -4.20
C GLN A 93 -27.18 2.19 -3.97
N THR A 94 -27.27 3.35 -3.34
CA THR A 94 -28.56 3.99 -3.15
C THR A 94 -28.46 5.41 -3.65
N GLY A 95 -29.50 5.89 -4.32
CA GLY A 95 -29.43 7.16 -4.98
C GLY A 95 -28.38 7.05 -6.07
N GLY A 96 -27.50 8.04 -6.15
CA GLY A 96 -26.41 7.99 -7.10
C GLY A 96 -25.13 7.48 -6.48
N LYS A 97 -25.15 7.23 -5.17
CA LYS A 97 -23.94 6.89 -4.42
C LYS A 97 -23.63 5.39 -4.37
N LEU A 98 -22.35 5.05 -4.44
CA LEU A 98 -21.92 3.69 -4.18
C LEU A 98 -21.36 3.62 -2.75
N TYR A 99 -21.80 2.62 -1.99
CA TYR A 99 -21.34 2.44 -0.62
C TYR A 99 -20.52 1.18 -0.52
N LEU A 100 -19.31 1.33 -0.02
CA LEU A 100 -18.43 0.19 0.24
C LEU A 100 -18.23 0.11 1.75
N ILE A 101 -18.61 -1.01 2.34
CA ILE A 101 -18.42 -1.20 3.76
C ILE A 101 -17.24 -2.13 3.94
N LEU A 102 -16.17 -1.60 4.50
CA LEU A 102 -14.93 -2.32 4.68
C LEU A 102 -14.70 -2.58 6.15
N GLU A 103 -13.85 -3.54 6.46
CA GLU A 103 -13.40 -3.71 7.83
C GLU A 103 -12.75 -2.41 8.29
N TYR A 104 -13.01 -2.04 9.55
CA TYR A 104 -12.37 -0.87 10.15
C TYR A 104 -10.95 -1.20 10.59
N LEU A 105 -9.98 -0.45 10.09
CA LEU A 105 -8.58 -0.62 10.44
C LEU A 105 -8.18 0.46 11.42
N SER A 106 -7.93 0.07 12.66
CA SER A 106 -7.71 1.08 13.69
C SER A 106 -6.23 1.38 13.88
N GLY A 107 -5.36 0.67 13.18
CA GLY A 107 -3.92 0.83 13.38
C GLY A 107 -3.25 2.01 12.69
N GLY A 108 -4.02 2.78 11.93
CA GLY A 108 -3.48 3.94 11.22
C GLY A 108 -2.60 3.60 10.01
N GLU A 109 -2.04 4.64 9.40
CA GLU A 109 -1.21 4.44 8.22
C GLU A 109 0.17 3.98 8.64
N LEU A 110 0.77 3.14 7.82
CA LEU A 110 2.18 2.80 8.02
C LEU A 110 3.03 4.06 8.12
N PHE A 111 2.73 5.05 7.26
CA PHE A 111 3.31 6.39 7.32
C PHE A 111 3.56 6.91 8.75
N MET A 112 2.58 6.74 9.63
CA MET A 112 2.69 7.37 10.93
C MET A 112 3.79 6.72 11.77
N GLN A 113 4.03 5.42 11.57
CA GLN A 113 5.07 4.72 12.31
C GLN A 113 6.42 5.19 11.80
N LEU A 114 6.54 5.33 10.49
CA LEU A 114 7.79 5.77 9.90
C LEU A 114 8.12 7.18 10.39
N GLU A 115 7.10 8.03 10.41
CA GLU A 115 7.26 9.42 10.81
C GLU A 115 7.69 9.54 12.28
N ARG A 116 7.16 8.68 13.13
CA ARG A 116 7.54 8.68 14.53
C ARG A 116 8.95 8.10 14.73
N GLU A 117 9.27 7.05 13.99
CA GLU A 117 10.54 6.35 14.17
C GLU A 117 11.73 6.99 13.43
N GLY A 118 11.43 7.79 12.41
CA GLY A 118 12.46 8.42 11.62
C GLY A 118 13.01 7.43 10.62
N ILE A 119 13.72 6.45 11.12
CA ILE A 119 14.23 5.32 10.33
C ILE A 119 13.91 4.03 11.06
N PHE A 120 13.43 3.03 10.35
CA PHE A 120 13.20 1.71 10.93
C PHE A 120 14.51 0.93 11.05
N MET A 121 14.65 0.15 12.11
CA MET A 121 15.67 -0.89 12.15
C MET A 121 15.32 -1.92 11.07
N GLU A 122 16.31 -2.70 10.64
CA GLU A 122 16.11 -3.52 9.46
C GLU A 122 15.11 -4.63 9.70
N ASP A 123 15.07 -5.13 10.94
CA ASP A 123 14.12 -6.16 11.32
C ASP A 123 12.71 -5.59 11.26
N THR A 124 12.57 -4.33 11.65
CA THR A 124 11.28 -3.64 11.57
C THR A 124 10.85 -3.54 10.11
N ALA A 125 11.73 -3.00 9.29
CA ALA A 125 11.44 -2.87 7.86
C ALA A 125 11.13 -4.21 7.23
N CYS A 126 11.92 -5.22 7.58
CA CYS A 126 11.78 -6.57 7.02
C CYS A 126 10.38 -7.15 7.24
N PHE A 127 9.90 -7.06 8.47
CA PHE A 127 8.55 -7.50 8.81
C PHE A 127 7.49 -6.90 7.87
N TYR A 128 7.48 -5.57 7.74
CA TYR A 128 6.46 -4.89 6.95
C TYR A 128 6.59 -5.23 5.48
N LEU A 129 7.82 -5.23 4.98
CA LEU A 129 8.06 -5.48 3.57
C LEU A 129 7.71 -6.91 3.21
N ALA A 130 7.97 -7.82 4.15
CA ALA A 130 7.65 -9.23 3.92
C ALA A 130 6.13 -9.43 3.82
N GLU A 131 5.37 -8.83 4.73
CA GLU A 131 3.91 -8.94 4.65
C GLU A 131 3.41 -8.26 3.37
N ILE A 132 3.96 -7.11 3.04
CA ILE A 132 3.54 -6.45 1.80
C ILE A 132 3.82 -7.34 0.58
N SER A 133 4.96 -8.03 0.58
CA SER A 133 5.30 -8.86 -0.57
C SER A 133 4.27 -9.97 -0.79
N MET A 134 3.72 -10.50 0.29
CA MET A 134 2.71 -11.55 0.17
C MET A 134 1.43 -10.98 -0.43
N ALA A 135 1.04 -9.80 0.04
CA ALA A 135 -0.13 -9.10 -0.51
C ALA A 135 0.06 -8.80 -2.00
N LEU A 136 1.26 -8.36 -2.37
CA LEU A 136 1.57 -8.10 -3.78
C LEU A 136 1.50 -9.37 -4.62
N GLY A 137 2.03 -10.46 -4.09
CA GLY A 137 1.93 -11.75 -4.76
C GLY A 137 0.48 -12.14 -5.07
N HIS A 138 -0.39 -11.96 -4.08
CA HIS A 138 -1.81 -12.27 -4.24
C HIS A 138 -2.44 -11.40 -5.31
N LEU A 139 -2.18 -10.10 -5.25
CA LEU A 139 -2.70 -9.18 -6.26
C LEU A 139 -2.28 -9.57 -7.67
N HIS A 140 -1.01 -9.88 -7.84
CA HIS A 140 -0.46 -10.18 -9.15
C HIS A 140 -1.07 -11.44 -9.72
N GLN A 141 -1.29 -12.45 -8.86
CA GLN A 141 -2.00 -13.65 -9.28
C GLN A 141 -3.40 -13.32 -9.77
N LYS A 142 -3.99 -12.23 -9.28
CA LYS A 142 -5.31 -11.83 -9.76
C LYS A 142 -5.23 -10.79 -10.88
N GLY A 143 -4.05 -10.61 -11.47
CA GLY A 143 -3.87 -9.61 -12.50
C GLY A 143 -4.00 -8.17 -12.02
N ILE A 144 -3.86 -7.95 -10.72
CA ILE A 144 -3.95 -6.61 -10.16
C ILE A 144 -2.58 -6.02 -9.85
N ILE A 145 -2.43 -4.74 -10.16
CA ILE A 145 -1.20 -3.99 -9.90
C ILE A 145 -1.48 -2.87 -8.91
N TYR A 146 -0.68 -2.81 -7.83
CA TYR A 146 -0.92 -1.81 -6.79
C TYR A 146 -0.40 -0.43 -7.16
N ARG A 147 0.72 -0.37 -7.90
CA ARG A 147 1.34 0.86 -8.43
C ARG A 147 2.06 1.75 -7.41
N ASP A 148 1.48 1.99 -6.25
CA ASP A 148 2.02 3.06 -5.42
C ASP A 148 2.08 2.62 -3.97
N LEU A 149 3.26 2.24 -3.53
CA LEU A 149 3.42 1.81 -2.14
C LEU A 149 3.97 2.92 -1.21
N LYS A 150 3.72 4.19 -1.55
CA LYS A 150 3.98 5.25 -0.55
C LYS A 150 3.34 4.84 0.78
N PRO A 151 4.00 5.16 1.90
CA PRO A 151 3.57 4.54 3.16
C PRO A 151 2.19 5.03 3.66
N GLU A 152 1.65 6.11 3.12
CA GLU A 152 0.28 6.46 3.49
C GLU A 152 -0.73 5.51 2.83
N ASN A 153 -0.27 4.70 1.88
CA ASN A 153 -1.17 3.77 1.17
C ASN A 153 -1.20 2.39 1.78
N ILE A 154 -0.64 2.26 2.98
CA ILE A 154 -0.59 1.00 3.68
C ILE A 154 -1.15 1.22 5.08
N MET A 155 -2.20 0.50 5.44
CA MET A 155 -2.75 0.64 6.79
C MET A 155 -2.22 -0.49 7.66
N LEU A 156 -2.38 -0.33 8.96
CA LEU A 156 -2.13 -1.39 9.92
C LEU A 156 -3.45 -1.76 10.56
N ASN A 157 -3.68 -3.04 10.80
CA ASN A 157 -4.88 -3.45 11.52
C ASN A 157 -4.60 -3.27 13.01
N HIS A 158 -5.55 -3.66 13.86
CA HIS A 158 -5.43 -3.43 15.28
C HIS A 158 -4.24 -4.14 15.91
N GLN A 159 -3.79 -5.24 15.31
CA GLN A 159 -2.64 -6.00 15.83
C GLN A 159 -1.31 -5.40 15.37
N GLY A 160 -1.36 -4.55 14.35
CA GLY A 160 -0.13 -4.02 13.78
C GLY A 160 0.33 -4.73 12.51
N HIS A 161 -0.54 -5.52 11.89
CA HIS A 161 -0.20 -6.16 10.64
C HIS A 161 -0.62 -5.30 9.46
N VAL A 162 0.08 -5.46 8.35
CA VAL A 162 -0.18 -4.73 7.12
C VAL A 162 -1.56 -5.00 6.49
N LYS A 163 -2.18 -3.95 5.97
CA LYS A 163 -3.37 -4.03 5.12
C LYS A 163 -3.21 -3.06 3.95
N LEU A 164 -3.12 -3.60 2.74
CA LEU A 164 -3.18 -2.74 1.55
C LEU A 164 -4.62 -2.24 1.40
N THR A 165 -4.78 -0.95 1.18
CA THR A 165 -6.11 -0.34 1.14
C THR A 165 -6.40 0.55 -0.09
N ASP A 166 -5.37 0.92 -0.83
CA ASP A 166 -5.56 2.00 -1.82
C ASP A 166 -5.95 1.49 -3.20
N PHE A 167 -7.22 1.25 -3.42
CA PHE A 167 -7.67 0.66 -4.68
C PHE A 167 -8.57 1.60 -5.47
N GLY A 168 -8.79 2.80 -4.94
CA GLY A 168 -9.73 3.75 -5.51
C GLY A 168 -9.04 4.70 -6.48
N LEU A 169 -9.78 5.63 -7.06
CA LEU A 169 -9.22 6.47 -8.13
C LEU A 169 -8.14 7.40 -7.64
N CYS A 170 -8.49 8.24 -6.67
CA CYS A 170 -7.59 9.28 -6.18
C CYS A 170 -8.10 9.90 -4.89
N LYS A 171 -7.20 10.00 -3.92
CA LYS A 171 -7.56 10.50 -2.59
C LYS A 171 -7.26 12.00 -2.46
N GLU A 172 -6.76 12.61 -3.52
CA GLU A 172 -6.34 14.00 -3.45
C GLU A 172 -7.53 14.96 -3.56
N SER A 173 -7.27 16.23 -3.26
CA SER A 173 -8.30 17.26 -3.36
C SER A 173 -7.92 18.24 -4.46
N ILE A 174 -6.62 18.27 -4.79
CA ILE A 174 -6.09 19.04 -5.90
C ILE A 174 -5.43 18.09 -6.90
N HIS A 175 -5.81 18.17 -8.17
CA HIS A 175 -5.51 17.11 -9.13
C HIS A 175 -4.62 17.50 -10.29
N ASP A 176 -3.55 16.74 -10.47
CA ASP A 176 -2.64 16.92 -11.60
C ASP A 176 -3.27 16.37 -12.88
N GLY A 177 -3.27 17.19 -13.93
CA GLY A 177 -3.80 16.77 -15.21
C GLY A 177 -5.31 16.79 -15.20
N THR A 178 -5.90 17.29 -16.28
CA THR A 178 -7.35 17.39 -16.38
C THR A 178 -7.95 16.05 -16.80
N VAL A 179 -7.22 14.96 -16.58
CA VAL A 179 -7.65 13.64 -16.99
C VAL A 179 -7.34 12.52 -16.00
N THR A 180 -6.09 12.10 -15.97
CA THR A 180 -5.73 10.89 -15.21
C THR A 180 -4.94 11.21 -13.94
N HIS A 181 -4.93 10.28 -12.98
CA HIS A 181 -4.51 10.60 -11.62
C HIS A 181 -3.18 10.03 -11.17
N PHE A 183 -0.14 11.74 -11.27
CA PHE A 183 0.77 12.72 -10.70
C PHE A 183 0.10 13.59 -9.62
N CYS A 184 -1.08 13.20 -9.17
CA CYS A 184 -1.81 14.03 -8.20
C CYS A 184 -1.11 14.14 -6.84
N GLY A 185 -0.71 13.01 -6.28
CA GLY A 185 0.02 12.99 -5.03
C GLY A 185 1.50 12.85 -5.32
N THR A 186 2.28 12.44 -4.33
CA THR A 186 3.71 12.25 -4.53
C THR A 186 3.94 11.13 -5.54
N ILE A 187 4.96 11.27 -6.37
CA ILE A 187 5.29 10.24 -7.35
C ILE A 187 6.60 9.57 -6.95
N GLU A 188 7.07 9.93 -5.76
CA GLU A 188 8.38 9.47 -5.29
C GLU A 188 8.48 7.95 -5.12
N TYR A 189 7.37 7.23 -5.14
CA TYR A 189 7.44 5.77 -4.98
C TYR A 189 7.01 5.03 -6.26
N MET A 190 6.78 5.77 -7.33
CA MET A 190 6.33 5.17 -8.58
C MET A 190 7.47 4.96 -9.56
N ALA A 191 7.37 3.86 -10.31
CA ALA A 191 8.41 3.43 -11.22
C ALA A 191 8.54 4.37 -12.42
N PRO A 192 9.77 4.52 -12.96
CA PRO A 192 10.03 5.35 -14.14
C PRO A 192 9.00 5.14 -15.26
N GLU A 193 8.67 3.88 -15.54
CA GLU A 193 7.86 3.57 -16.72
C GLU A 193 6.41 4.01 -16.53
N ILE A 194 5.98 4.11 -15.28
CA ILE A 194 4.67 4.71 -14.98
C ILE A 194 4.71 6.20 -15.26
N LEU A 195 5.79 6.85 -14.82
CA LEU A 195 5.92 8.29 -14.96
C LEU A 195 6.01 8.69 -16.43
N MET A 196 6.60 7.80 -17.24
CA MET A 196 6.77 8.04 -18.66
C MET A 196 5.53 7.67 -19.45
N ARG A 197 4.61 6.94 -18.82
CA ARG A 197 3.41 6.43 -19.45
C ARG A 197 3.75 5.58 -20.67
N SER A 198 4.85 4.83 -20.57
CA SER A 198 5.34 4.06 -21.69
C SER A 198 4.92 2.59 -21.59
N GLY A 199 3.88 2.33 -20.81
CA GLY A 199 3.41 0.96 -20.63
C GLY A 199 4.17 0.25 -19.53
N HIS A 200 3.47 -0.55 -18.75
CA HIS A 200 4.09 -1.21 -17.61
C HIS A 200 3.35 -2.47 -17.19
N ASN A 201 3.90 -3.18 -16.22
CA ASN A 201 3.25 -4.36 -15.68
C ASN A 201 3.53 -4.47 -14.19
N ARG A 202 3.38 -5.67 -13.64
CA ARG A 202 3.46 -5.87 -12.20
C ARG A 202 4.88 -5.54 -11.67
N ALA A 203 5.85 -5.43 -12.57
CA ALA A 203 7.21 -5.02 -12.19
C ALA A 203 7.24 -3.68 -11.49
N VAL A 204 6.25 -2.83 -11.75
CA VAL A 204 6.25 -1.52 -11.09
C VAL A 204 6.07 -1.64 -9.57
N ASP A 205 5.49 -2.75 -9.12
CA ASP A 205 5.18 -2.91 -7.71
C ASP A 205 6.45 -3.26 -6.96
N TRP A 206 7.34 -3.98 -7.64
CA TRP A 206 8.58 -4.37 -7.02
C TRP A 206 9.51 -3.16 -6.94
N TRP A 207 9.50 -2.33 -7.97
CA TRP A 207 10.14 -1.03 -7.87
C TRP A 207 9.63 -0.26 -6.65
N SER A 208 8.31 -0.16 -6.54
CA SER A 208 7.71 0.64 -5.48
C SER A 208 8.04 0.06 -4.09
N LEU A 209 8.13 -1.27 -3.99
CA LEU A 209 8.54 -1.91 -2.75
C LEU A 209 9.96 -1.46 -2.37
N GLY A 210 10.83 -1.32 -3.37
CA GLY A 210 12.17 -0.82 -3.17
C GLY A 210 12.20 0.62 -2.70
N ALA A 211 11.34 1.46 -3.27
CA ALA A 211 11.29 2.87 -2.88
C ALA A 211 10.82 2.98 -1.44
N LEU A 212 9.80 2.19 -1.08
CA LEU A 212 9.29 2.16 0.29
C LEU A 212 10.36 1.65 1.24
N MET A 213 11.05 0.58 0.85
CA MET A 213 12.13 0.01 1.64
C MET A 213 13.21 1.05 1.88
N TYR A 214 13.54 1.78 0.82
CA TYR A 214 14.59 2.78 0.87
C TYR A 214 14.17 3.86 1.88
N ASP A 215 12.94 4.31 1.76
CA ASP A 215 12.35 5.26 2.70
C ASP A 215 12.44 4.77 4.17
N MET A 216 12.07 3.51 4.40
CA MET A 216 12.15 2.92 5.75
C MET A 216 13.54 2.98 6.34
N LEU A 217 14.53 2.57 5.55
CA LEU A 217 15.90 2.38 6.04
C LEU A 217 16.77 3.65 6.04
N THR A 218 16.32 4.71 5.37
CA THR A 218 17.18 5.88 5.21
C THR A 218 16.51 7.19 5.58
N GLY A 219 15.20 7.17 5.77
CA GLY A 219 14.47 8.37 6.17
C GLY A 219 13.79 9.17 5.06
N ALA A 220 14.08 8.81 3.80
CA ALA A 220 13.48 9.47 2.64
C ALA A 220 13.47 8.53 1.46
N PRO A 221 12.51 8.71 0.52
CA PRO A 221 12.49 7.90 -0.71
C PRO A 221 13.78 8.13 -1.52
N PRO A 222 14.12 7.21 -2.44
CA PRO A 222 15.44 7.23 -3.11
C PRO A 222 15.72 8.45 -3.99
N PHE A 223 14.71 8.96 -4.67
CA PHE A 223 14.91 10.04 -5.64
C PHE A 223 13.99 11.23 -5.38
N THR A 224 14.54 12.26 -4.76
CA THR A 224 13.78 13.46 -4.43
C THR A 224 14.44 14.69 -5.06
N GLY A 225 13.61 15.60 -5.56
CA GLY A 225 14.13 16.81 -6.16
C GLY A 225 13.60 18.03 -5.43
N GLU A 226 14.11 19.20 -5.81
CA GLU A 226 13.65 20.46 -5.21
C GLU A 226 12.24 20.78 -5.68
N ASN A 227 11.86 20.26 -6.85
CA ASN A 227 10.49 20.37 -7.32
C ASN A 227 10.07 19.11 -8.07
N ARG A 228 8.86 19.12 -8.61
CA ARG A 228 8.30 17.97 -9.32
C ARG A 228 9.17 17.58 -10.51
N LYS A 229 9.52 18.56 -11.33
CA LYS A 229 10.29 18.34 -12.55
C LYS A 229 11.63 17.68 -12.24
N LYS A 230 12.28 18.18 -11.20
CA LYS A 230 13.56 17.66 -10.76
C LYS A 230 13.42 16.25 -10.20
N THR A 231 12.30 15.98 -9.54
CA THR A 231 12.06 14.68 -8.95
C THR A 231 11.84 13.65 -10.07
N ILE A 232 11.07 14.02 -11.07
CA ILE A 232 10.86 13.12 -12.21
C ILE A 232 12.20 12.75 -12.83
N ASP A 233 13.02 13.75 -13.10
CA ASP A 233 14.28 13.54 -13.77
C ASP A 233 15.16 12.61 -12.95
N LYS A 234 15.18 12.79 -11.63
CA LYS A 234 16.02 11.94 -10.81
C LYS A 234 15.58 10.48 -10.85
N ILE A 235 14.26 10.26 -10.86
CA ILE A 235 13.68 8.92 -10.89
C ILE A 235 13.97 8.24 -12.22
N LEU A 236 13.80 8.99 -13.31
CA LEU A 236 14.12 8.47 -14.63
C LEU A 236 15.60 8.12 -14.75
N LYS A 237 16.49 8.97 -14.23
CA LYS A 237 17.92 8.70 -14.35
C LYS A 237 18.29 7.49 -13.48
N CYS A 238 17.56 7.34 -12.36
CA CYS A 238 17.71 6.18 -11.48
C CYS A 238 19.18 5.90 -11.11
N LYS A 239 19.89 6.94 -10.69
CA LYS A 239 21.23 6.76 -10.18
C LYS A 239 21.12 6.56 -8.67
N LEU A 240 21.16 5.30 -8.28
CA LEU A 240 20.89 4.91 -6.92
C LEU A 240 22.08 5.19 -5.98
N ASN A 241 21.79 5.80 -4.83
CA ASN A 241 22.82 6.01 -3.81
C ASN A 241 22.55 5.02 -2.67
N LEU A 242 23.36 3.96 -2.58
CA LEU A 242 23.23 2.96 -1.53
C LEU A 242 23.98 3.38 -0.27
N PRO A 243 23.24 3.79 0.77
CA PRO A 243 23.86 4.19 2.04
C PRO A 243 24.74 3.08 2.58
N PRO A 244 25.96 3.41 3.00
CA PRO A 244 26.92 2.38 3.37
C PRO A 244 26.63 1.69 4.70
N TYR A 245 25.78 2.29 5.53
CA TYR A 245 25.57 1.75 6.87
CA TYR A 245 25.52 1.78 6.87
C TYR A 245 24.56 0.60 6.89
N LEU A 246 23.94 0.31 5.74
CA LEU A 246 23.00 -0.80 5.65
C LEU A 246 23.69 -2.15 5.51
N THR A 247 23.03 -3.23 5.93
CA THR A 247 23.62 -4.57 5.74
C THR A 247 23.76 -4.86 4.26
N GLN A 248 24.64 -5.79 3.93
CA GLN A 248 24.85 -6.17 2.53
C GLN A 248 23.57 -6.75 1.91
N GLU A 249 22.80 -7.48 2.71
CA GLU A 249 21.54 -8.06 2.24
C GLU A 249 20.53 -6.99 1.86
N ALA A 250 20.40 -5.97 2.71
CA ALA A 250 19.51 -4.86 2.42
C ALA A 250 19.97 -4.08 1.19
N ARG A 251 21.28 -3.83 1.09
CA ARG A 251 21.84 -3.10 -0.05
C ARG A 251 21.62 -3.86 -1.35
N ASP A 252 21.84 -5.18 -1.30
CA ASP A 252 21.67 -6.02 -2.49
C ASP A 252 20.21 -6.07 -2.97
N LEU A 253 19.26 -6.19 -2.05
CA LEU A 253 17.83 -6.15 -2.42
C LEU A 253 17.42 -4.80 -3.03
N LEU A 254 17.85 -3.70 -2.43
CA LEU A 254 17.54 -2.36 -2.95
C LEU A 254 18.07 -2.20 -4.38
N LYS A 255 19.30 -2.67 -4.57
CA LYS A 255 19.97 -2.65 -5.86
C LYS A 255 19.17 -3.42 -6.89
N LYS A 256 18.52 -4.50 -6.46
CA LYS A 256 17.83 -5.36 -7.41
C LYS A 256 16.37 -4.96 -7.63
N LEU A 257 15.87 -4.06 -6.79
CA LEU A 257 14.50 -3.57 -6.92
C LEU A 257 14.47 -2.25 -7.69
N LEU A 258 15.38 -1.35 -7.34
CA LEU A 258 15.34 0.02 -7.89
C LEU A 258 16.17 0.12 -9.17
N LYS A 259 15.73 -0.60 -10.20
CA LYS A 259 16.40 -0.63 -11.50
C LYS A 259 15.49 -0.03 -12.57
N ARG A 260 16.08 0.77 -13.43
CA ARG A 260 15.35 1.38 -14.52
C ARG A 260 14.80 0.33 -15.52
N ASN A 261 15.57 -0.71 -15.80
CA ASN A 261 15.08 -1.82 -16.63
C ASN A 261 14.08 -2.71 -15.88
N ALA A 262 12.78 -2.51 -16.13
CA ALA A 262 11.72 -3.16 -15.38
C ALA A 262 11.86 -4.67 -15.35
N ALA A 263 12.12 -5.25 -16.52
CA ALA A 263 12.17 -6.71 -16.68
C ALA A 263 13.27 -7.35 -15.81
N SER A 264 14.29 -6.57 -15.48
CA SER A 264 15.44 -7.09 -14.75
C SER A 264 15.37 -6.81 -13.22
N ARG A 265 14.24 -6.31 -12.72
CA ARG A 265 14.05 -6.20 -11.27
C ARG A 265 13.77 -7.56 -10.65
N LEU A 266 14.20 -7.76 -9.41
CA LEU A 266 13.79 -8.92 -8.64
C LEU A 266 12.25 -8.90 -8.53
N GLY A 267 11.62 -10.03 -8.82
CA GLY A 267 10.17 -10.11 -8.77
C GLY A 267 9.51 -9.93 -10.13
N ALA A 268 10.22 -9.32 -11.07
CA ALA A 268 9.67 -9.05 -12.39
C ALA A 268 9.54 -10.32 -13.22
N GLY A 269 10.35 -11.32 -12.90
CA GLY A 269 10.33 -12.59 -13.60
C GLY A 269 9.11 -13.41 -13.23
N PRO A 270 9.02 -14.63 -13.78
CA PRO A 270 7.88 -15.52 -13.56
C PRO A 270 7.63 -15.82 -12.07
N GLY A 271 8.69 -15.90 -11.28
CA GLY A 271 8.56 -16.23 -9.88
C GLY A 271 7.88 -15.16 -9.03
N ASP A 272 7.71 -13.96 -9.60
CA ASP A 272 7.03 -12.85 -8.92
C ASP A 272 7.49 -12.68 -7.47
N ALA A 273 6.54 -12.76 -6.54
CA ALA A 273 6.80 -12.50 -5.14
C ALA A 273 7.74 -13.55 -4.56
N GLY A 274 7.59 -14.79 -5.05
CA GLY A 274 8.45 -15.88 -4.63
C GLY A 274 9.91 -15.52 -4.81
N GLU A 275 10.22 -14.79 -5.88
CA GLU A 275 11.60 -14.38 -6.18
C GLU A 275 12.13 -13.45 -5.11
N VAL A 276 11.30 -12.46 -4.78
CA VAL A 276 11.63 -11.45 -3.79
C VAL A 276 11.74 -12.09 -2.39
N GLN A 277 10.82 -12.97 -2.08
CA GLN A 277 10.76 -13.59 -0.77
C GLN A 277 11.93 -14.55 -0.54
N ALA A 278 12.56 -14.98 -1.64
CA ALA A 278 13.70 -15.88 -1.56
C ALA A 278 15.00 -15.12 -1.31
N HIS A 279 14.96 -13.79 -1.42
CA HIS A 279 16.17 -13.00 -1.25
C HIS A 279 16.68 -13.09 0.19
N PRO A 280 18.01 -13.14 0.36
CA PRO A 280 18.63 -13.26 1.69
C PRO A 280 18.21 -12.22 2.72
N PHE A 281 17.68 -11.07 2.29
CA PHE A 281 17.25 -10.06 3.24
C PHE A 281 16.07 -10.57 4.07
N PHE A 282 15.31 -11.51 3.51
CA PHE A 282 14.17 -12.09 4.20
C PHE A 282 14.46 -13.49 4.78
N ARG A 283 15.74 -13.86 4.90
CA ARG A 283 16.09 -15.25 5.26
C ARG A 283 15.50 -15.73 6.60
N HIS A 284 15.23 -14.82 7.52
CA HIS A 284 14.73 -15.20 8.85
C HIS A 284 13.21 -15.26 8.91
N ILE A 285 12.55 -15.07 7.78
CA ILE A 285 11.09 -15.06 7.76
C ILE A 285 10.50 -16.45 7.55
N ASN A 286 9.65 -16.86 8.49
CA ASN A 286 8.84 -18.04 8.25
C ASN A 286 7.54 -17.59 7.61
N TRP A 287 7.40 -17.89 6.32
CA TRP A 287 6.31 -17.33 5.53
C TRP A 287 4.97 -17.87 5.98
N GLU A 288 4.95 -19.16 6.32
CA GLU A 288 3.76 -19.80 6.83
C GLU A 288 3.27 -19.12 8.11
N GLU A 289 4.21 -18.81 9.01
CA GLU A 289 3.88 -18.12 10.26
C GLU A 289 3.49 -16.66 9.99
N LEU A 290 4.19 -16.04 9.05
CA LEU A 290 3.90 -14.66 8.66
C LEU A 290 2.46 -14.56 8.17
N LEU A 291 2.16 -15.33 7.14
CA LEU A 291 0.83 -15.33 6.52
C LEU A 291 -0.29 -15.56 7.52
N ALA A 292 -0.09 -16.49 8.45
CA ALA A 292 -1.07 -16.77 9.49
C ALA A 292 -1.08 -15.70 10.58
N ARG A 293 -0.28 -14.66 10.40
CA ARG A 293 -0.16 -13.56 11.35
C ARG A 293 0.19 -14.03 12.76
N LYS A 294 1.10 -14.98 12.85
CA LYS A 294 1.54 -15.47 14.15
C LYS A 294 2.87 -14.84 14.53
N VAL A 295 3.41 -14.03 13.63
CA VAL A 295 4.62 -13.26 13.90
C VAL A 295 4.23 -11.96 14.59
N GLU A 296 4.91 -11.60 15.68
CA GLU A 296 4.56 -10.38 16.40
C GLU A 296 5.06 -9.12 15.68
N PRO A 297 4.15 -8.16 15.43
CA PRO A 297 4.56 -6.94 14.74
C PRO A 297 5.49 -6.10 15.62
N PRO A 298 6.37 -5.30 14.99
CA PRO A 298 7.29 -4.43 15.73
C PRO A 298 6.58 -3.36 16.52
N PHE A 299 5.38 -2.97 16.08
CA PHE A 299 4.59 -1.99 16.83
C PHE A 299 3.13 -2.42 16.98
N LYS A 300 2.60 -2.18 18.17
CA LYS A 300 1.22 -2.51 18.48
C LYS A 300 0.43 -1.23 18.70
N PRO A 301 -0.42 -0.87 17.73
CA PRO A 301 -1.28 0.31 17.74
C PRO A 301 -2.15 0.46 18.99
N LEU A 302 -2.60 -0.65 19.57
CA LEU A 302 -3.35 -0.61 20.81
C LEU A 302 -2.52 -0.11 21.99
N LEU A 303 -1.21 -0.17 21.88
CA LEU A 303 -0.32 0.24 22.96
C LEU A 303 0.17 1.67 22.72
N GLN A 304 -0.39 2.28 21.67
CA GLN A 304 -0.07 3.65 21.28
C GLN A 304 -1.30 4.53 21.49
#